data_6BAC
#
_entry.id   6BAC
#
_cell.length_a   109.000
_cell.length_b   109.000
_cell.length_c   72.400
_cell.angle_alpha   90.000
_cell.angle_beta   90.000
_cell.angle_gamma   120.000
#
_symmetry.space_group_name_H-M   'P 31 2 1'
#
loop_
_entity.id
_entity.type
_entity.pdbx_description
1 polymer 'Aspartate-semialdehyde dehydrogenase'
2 non-polymer 'SULFATE ION'
3 non-polymer 1,2-ETHANEDIOL
4 water water
#
_entity_poly.entity_id   1
_entity_poly.type   'polypeptide(L)'
_entity_poly.pdbx_seq_one_letter_code
;MAHHHHHHMKVGFVGWRGMVGSVLMQRMKEENDFAHIPEAFFFTSSNVGGAAPDFGQAAKTLLDANDVAELAKMDIIVTC
QGGDYTKSVFQALRDSGWNGYWIDAASSLRMKDDAIIALDPVNRNVIDNGLKNGVKNYIGGNCTVSLMLMALGGLFQNDL
VEWATSMTYQAASGAGAKNMRELISGMGAIHAQVADELADPSSAILDIDRKVSDFLRSEDYPKANFGVPLAGSLIPWIDV
DLGNGQSKEEWKGGVETNKILGRSGNPTVIDGLCVRIGAMRCHSQAITLKLKKDLPVSEIEAILAGANDWVKVVPNEKEA
GIRELTPAKVTGTLSVPVGRIRKLGMGGEYISAFTVGDQLLWGAAEPMRRVLRIVLGSL
;
_entity_poly.pdbx_strand_id   A
#
# COMPACT_ATOMS: atom_id res chain seq x y z
N HIS A 7 11.52 -17.18 23.07
CA HIS A 7 12.73 -16.36 23.15
C HIS A 7 13.81 -16.82 22.17
N HIS A 8 13.49 -17.85 21.37
CA HIS A 8 14.43 -18.48 20.45
C HIS A 8 13.84 -18.56 19.05
N MET A 9 13.11 -17.54 18.63
CA MET A 9 12.29 -17.63 17.43
C MET A 9 13.14 -17.54 16.15
N LYS A 10 12.77 -18.36 15.18
CA LYS A 10 13.40 -18.38 13.86
C LYS A 10 12.46 -17.69 12.90
N VAL A 11 12.96 -16.67 12.23
CA VAL A 11 12.18 -15.87 11.28
C VAL A 11 12.82 -16.00 9.91
N GLY A 12 12.05 -16.46 8.93
CA GLY A 12 12.51 -16.57 7.56
C GLY A 12 11.93 -15.48 6.70
N PHE A 13 12.74 -14.97 5.76
CA PHE A 13 12.32 -13.90 4.88
C PHE A 13 12.34 -14.37 3.43
N VAL A 14 11.24 -14.16 2.73
CA VAL A 14 11.09 -14.55 1.33
C VAL A 14 10.71 -13.30 0.54
N GLY A 15 11.33 -13.13 -0.62
CA GLY A 15 11.04 -11.96 -1.44
C GLY A 15 11.67 -10.68 -0.95
N TRP A 16 12.70 -10.78 -0.10
CA TRP A 16 13.44 -9.63 0.42
C TRP A 16 14.15 -8.84 -0.69
N ARG A 17 14.40 -9.44 -1.86
CA ARG A 17 15.17 -8.78 -2.92
C ARG A 17 14.30 -7.94 -3.86
N GLY A 18 13.01 -8.21 -3.93
CA GLY A 18 12.10 -7.43 -4.74
C GLY A 18 11.86 -6.04 -4.14
N MET A 19 11.05 -5.25 -4.85
CA MET A 19 10.86 -3.85 -4.47
C MET A 19 10.28 -3.72 -3.07
N VAL A 20 9.11 -4.32 -2.84
CA VAL A 20 8.50 -4.23 -1.52
C VAL A 20 9.43 -4.81 -0.47
N GLY A 21 10.02 -5.97 -0.75
CA GLY A 21 10.93 -6.57 0.21
C GLY A 21 12.14 -5.69 0.47
N SER A 22 12.61 -5.00 -0.57
CA SER A 22 13.76 -4.11 -0.39
C SER A 22 13.39 -2.91 0.48
N VAL A 23 12.17 -2.38 0.34
CA VAL A 23 11.74 -1.32 1.24
C VAL A 23 11.62 -1.85 2.66
N LEU A 24 11.09 -3.06 2.82
CA LEU A 24 11.02 -3.68 4.15
C LEU A 24 12.40 -3.78 4.78
N MET A 25 13.37 -4.31 4.04
CA MET A 25 14.72 -4.47 4.60
C MET A 25 15.29 -3.13 5.02
N GLN A 26 15.12 -2.11 4.18
CA GLN A 26 15.59 -0.77 4.49
C GLN A 26 14.96 -0.26 5.80
N ARG A 27 13.64 -0.42 5.93
CA ARG A 27 12.98 0.04 7.16
C ARG A 27 13.45 -0.74 8.37
N MET A 28 13.58 -2.07 8.24
CA MET A 28 14.03 -2.88 9.39
C MET A 28 15.44 -2.49 9.80
N LYS A 29 16.30 -2.18 8.84
CA LYS A 29 17.61 -1.64 9.17
C LYS A 29 17.47 -0.32 9.93
N GLU A 30 16.55 0.54 9.48
CA GLU A 30 16.46 1.88 10.09
C GLU A 30 15.98 1.81 11.53
N GLU A 31 15.11 0.85 11.85
CA GLU A 31 14.60 0.66 13.19
C GLU A 31 15.36 -0.43 13.97
N ASN A 32 16.44 -0.97 13.41
CA ASN A 32 17.26 -1.96 14.10
CA ASN A 32 17.26 -1.96 14.10
C ASN A 32 16.41 -3.16 14.51
N ASP A 33 15.48 -3.57 13.63
CA ASP A 33 14.55 -4.66 13.96
C ASP A 33 15.28 -6.00 14.13
N PHE A 34 16.33 -6.22 13.37
CA PHE A 34 17.02 -7.51 13.43
C PHE A 34 17.68 -7.75 14.78
N ALA A 35 17.94 -6.69 15.55
CA ALA A 35 18.38 -6.87 16.93
C ALA A 35 17.31 -7.53 17.79
N HIS A 36 16.07 -7.58 17.30
CA HIS A 36 14.99 -8.19 18.04
C HIS A 36 14.59 -9.54 17.46
N ILE A 37 15.35 -10.04 16.50
CA ILE A 37 15.08 -11.32 15.85
C ILE A 37 16.18 -12.30 16.26
N PRO A 38 15.89 -13.29 17.11
CA PRO A 38 16.97 -14.17 17.58
C PRO A 38 17.70 -14.91 16.48
N GLU A 39 16.99 -15.42 15.48
CA GLU A 39 17.64 -16.17 14.39
C GLU A 39 16.91 -15.85 13.11
N ALA A 40 17.55 -15.05 12.25
CA ALA A 40 16.94 -14.65 11.00
C ALA A 40 17.51 -15.49 9.87
N PHE A 41 16.66 -15.88 8.93
CA PHE A 41 17.08 -16.66 7.78
C PHE A 41 16.50 -16.04 6.52
N PHE A 42 17.25 -16.11 5.43
CA PHE A 42 16.80 -15.55 4.17
C PHE A 42 16.66 -16.66 3.12
N PHE A 43 15.54 -16.63 2.39
CA PHE A 43 15.19 -17.64 1.40
C PHE A 43 15.31 -17.08 -0.01
N THR A 44 15.35 -18.00 -0.98
CA THR A 44 15.63 -17.64 -2.36
C THR A 44 14.90 -18.62 -3.27
N SER A 45 14.37 -18.08 -4.37
CA SER A 45 13.80 -18.86 -5.45
C SER A 45 14.78 -19.07 -6.59
N SER A 46 16.05 -18.74 -6.41
CA SER A 46 16.94 -18.74 -7.57
C SER A 46 18.41 -18.94 -7.24
N ASN A 47 18.79 -18.87 -5.97
CA ASN A 47 20.19 -18.72 -5.61
C ASN A 47 20.52 -19.50 -4.33
N VAL A 48 20.06 -20.75 -4.27
CA VAL A 48 20.24 -21.54 -3.06
C VAL A 48 21.73 -21.63 -2.74
N GLY A 49 22.08 -21.36 -1.49
CA GLY A 49 23.47 -21.38 -1.07
C GLY A 49 24.23 -20.09 -1.33
N GLY A 50 23.62 -19.12 -1.99
CA GLY A 50 24.24 -17.83 -2.18
C GLY A 50 24.15 -16.96 -0.94
N ALA A 51 24.65 -15.73 -1.07
CA ALA A 51 24.79 -14.84 0.07
C ALA A 51 23.47 -14.25 0.51
N ALA A 52 23.15 -14.39 1.77
CA ALA A 52 22.06 -13.65 2.38
C ALA A 52 22.49 -12.22 2.64
N PRO A 53 21.56 -11.27 2.69
CA PRO A 53 21.91 -9.94 3.18
C PRO A 53 22.42 -10.08 4.60
N ASP A 54 23.43 -9.29 4.95
CA ASP A 54 24.13 -9.40 6.22
C ASP A 54 23.51 -8.41 7.20
N PHE A 55 22.58 -8.89 8.02
CA PHE A 55 22.06 -8.13 9.15
C PHE A 55 22.64 -8.58 10.48
N GLY A 56 23.81 -9.22 10.46
CA GLY A 56 24.41 -9.76 11.66
C GLY A 56 23.91 -11.15 12.04
N GLN A 57 23.01 -11.75 11.27
CA GLN A 57 22.50 -13.06 11.65
C GLN A 57 23.54 -14.15 11.42
N ALA A 58 23.37 -15.28 12.12
CA ALA A 58 24.32 -16.38 11.99
C ALA A 58 24.26 -17.01 10.60
N ALA A 59 23.07 -17.17 10.02
CA ALA A 59 22.94 -17.89 8.76
C ALA A 59 23.25 -16.94 7.60
N LYS A 60 24.40 -17.13 6.98
CA LYS A 60 24.87 -16.22 5.94
C LYS A 60 24.52 -16.67 4.53
N THR A 61 23.93 -17.86 4.36
CA THR A 61 23.65 -18.40 3.03
C THR A 61 22.16 -18.63 2.85
N LEU A 62 21.71 -18.56 1.60
CA LEU A 62 20.28 -18.56 1.29
C LEU A 62 19.70 -19.98 1.31
N LEU A 63 18.52 -20.11 1.92
CA LEU A 63 17.74 -21.34 1.93
C LEU A 63 16.73 -21.34 0.79
N ASP A 64 16.24 -22.55 0.46
CA ASP A 64 15.40 -22.76 -0.71
C ASP A 64 13.95 -22.39 -0.39
N ALA A 65 13.47 -21.29 -0.99
CA ALA A 65 12.10 -20.80 -0.81
C ALA A 65 11.04 -21.82 -1.20
N ASN A 66 11.36 -22.73 -2.12
CA ASN A 66 10.39 -23.70 -2.63
C ASN A 66 10.42 -25.01 -1.87
N ASP A 67 11.28 -25.12 -0.86
CA ASP A 67 11.45 -26.34 -0.08
C ASP A 67 10.57 -26.20 1.16
N VAL A 68 9.39 -26.82 1.12
CA VAL A 68 8.43 -26.71 2.21
C VAL A 68 9.04 -27.19 3.54
N ALA A 69 9.92 -28.20 3.50
CA ALA A 69 10.55 -28.65 4.74
C ALA A 69 11.48 -27.59 5.30
N GLU A 70 12.18 -26.85 4.45
CA GLU A 70 13.02 -25.77 4.95
C GLU A 70 12.17 -24.65 5.55
N LEU A 71 11.07 -24.28 4.89
CA LEU A 71 10.18 -23.26 5.42
C LEU A 71 9.59 -23.66 6.77
N ALA A 72 9.28 -24.95 6.94
CA ALA A 72 8.63 -25.45 8.15
C ALA A 72 9.55 -25.37 9.37
N LYS A 73 10.86 -25.19 9.15
CA LYS A 73 11.79 -24.97 10.24
C LYS A 73 11.62 -23.61 10.90
N MET A 74 11.04 -22.62 10.20
CA MET A 74 10.84 -21.29 10.76
C MET A 74 9.68 -21.27 11.76
N ASP A 75 9.77 -20.39 12.75
CA ASP A 75 8.61 -20.05 13.58
C ASP A 75 7.77 -18.97 12.92
N ILE A 76 8.39 -18.11 12.12
CA ILE A 76 7.71 -17.00 11.46
C ILE A 76 8.25 -16.89 10.06
N ILE A 77 7.36 -16.81 9.08
CA ILE A 77 7.73 -16.51 7.70
C ILE A 77 7.20 -15.13 7.35
N VAL A 78 8.10 -14.28 6.87
CA VAL A 78 7.77 -12.94 6.39
C VAL A 78 8.01 -12.92 4.89
N THR A 79 6.95 -12.83 4.10
CA THR A 79 7.11 -12.95 2.66
C THR A 79 6.59 -11.69 1.96
N CYS A 80 7.41 -11.16 1.05
CA CYS A 80 7.02 -10.14 0.10
C CYS A 80 7.08 -10.68 -1.31
N GLN A 81 7.14 -12.02 -1.45
CA GLN A 81 7.36 -12.64 -2.75
C GLN A 81 6.15 -12.52 -3.67
N GLY A 82 4.94 -12.50 -3.12
CA GLY A 82 3.75 -12.28 -3.92
C GLY A 82 2.78 -13.46 -3.86
N GLY A 83 1.62 -13.24 -4.48
CA GLY A 83 0.51 -14.16 -4.32
C GLY A 83 0.78 -15.53 -4.93
N ASP A 84 1.40 -15.57 -6.10
CA ASP A 84 1.72 -16.85 -6.72
C ASP A 84 2.62 -17.68 -5.80
N TYR A 85 3.63 -17.07 -5.21
CA TYR A 85 4.46 -17.82 -4.26
C TYR A 85 3.63 -18.36 -3.12
N THR A 86 2.84 -17.49 -2.48
CA THR A 86 1.99 -17.93 -1.38
C THR A 86 1.13 -19.14 -1.78
N LYS A 87 0.51 -19.10 -2.96
CA LYS A 87 -0.32 -20.21 -3.39
C LYS A 87 0.50 -21.49 -3.56
N SER A 88 1.78 -21.36 -3.94
CA SER A 88 2.58 -22.54 -4.25
C SER A 88 2.95 -23.32 -3.01
N VAL A 89 3.10 -22.67 -1.85
CA VAL A 89 3.66 -23.34 -0.69
C VAL A 89 2.78 -23.28 0.55
N PHE A 90 1.82 -22.36 0.64
CA PHE A 90 1.16 -22.12 1.93
C PHE A 90 0.34 -23.33 2.38
N GLN A 91 -0.56 -23.81 1.51
CA GLN A 91 -1.37 -24.96 1.90
C GLN A 91 -0.52 -26.20 2.07
N ALA A 92 0.56 -26.35 1.30
CA ALA A 92 1.44 -27.50 1.51
C ALA A 92 2.13 -27.42 2.87
N LEU A 93 2.52 -26.20 3.27
CA LEU A 93 3.13 -25.97 4.57
C LEU A 93 2.15 -26.32 5.69
N ARG A 94 0.94 -25.76 5.63
CA ARG A 94 -0.06 -26.05 6.66
C ARG A 94 -0.44 -27.52 6.68
N ASP A 95 -0.46 -28.17 5.51
CA ASP A 95 -0.82 -29.58 5.47
C ASP A 95 0.20 -30.45 6.17
N SER A 96 1.46 -30.00 6.23
CA SER A 96 2.51 -30.74 6.91
C SER A 96 2.47 -30.57 8.43
N GLY A 97 1.52 -29.81 8.95
CA GLY A 97 1.44 -29.55 10.37
C GLY A 97 2.13 -28.29 10.85
N TRP A 98 2.63 -27.46 9.93
CA TRP A 98 3.32 -26.25 10.32
C TRP A 98 2.33 -25.27 10.94
N ASN A 99 2.55 -24.93 12.21
CA ASN A 99 1.66 -24.05 12.95
C ASN A 99 2.33 -22.72 13.27
N GLY A 100 3.28 -22.28 12.44
CA GLY A 100 3.95 -21.01 12.63
C GLY A 100 3.19 -19.83 12.05
N TYR A 101 3.78 -18.65 12.18
CA TYR A 101 3.15 -17.41 11.77
C TYR A 101 3.52 -17.06 10.33
N TRP A 102 2.53 -16.66 9.55
CA TRP A 102 2.70 -16.31 8.15
C TRP A 102 2.36 -14.84 8.01
N ILE A 103 3.37 -14.02 7.71
CA ILE A 103 3.22 -12.57 7.56
C ILE A 103 3.49 -12.25 6.10
N ASP A 104 2.46 -11.76 5.40
CA ASP A 104 2.44 -11.78 3.95
C ASP A 104 1.98 -10.43 3.42
N ALA A 105 2.67 -9.93 2.39
CA ALA A 105 2.27 -8.69 1.73
C ALA A 105 1.12 -8.91 0.75
N ALA A 106 1.00 -10.11 0.20
CA ALA A 106 0.11 -10.41 -0.92
C ALA A 106 -1.34 -10.49 -0.48
N SER A 107 -2.23 -10.50 -1.48
CA SER A 107 -3.67 -10.50 -1.26
C SER A 107 -4.27 -11.91 -1.12
N SER A 108 -3.48 -12.96 -1.34
CA SER A 108 -4.02 -14.31 -1.38
C SER A 108 -4.94 -14.60 -0.20
N LEU A 109 -4.41 -14.48 1.01
CA LEU A 109 -5.10 -14.92 2.21
C LEU A 109 -5.95 -13.83 2.87
N ARG A 110 -6.14 -12.68 2.20
CA ARG A 110 -6.78 -11.54 2.85
C ARG A 110 -8.20 -11.88 3.33
N MET A 111 -8.97 -12.61 2.52
CA MET A 111 -10.35 -12.89 2.83
C MET A 111 -10.58 -14.29 3.41
N LYS A 112 -9.51 -14.94 3.89
CA LYS A 112 -9.67 -16.20 4.62
C LYS A 112 -10.07 -15.90 6.07
N ASP A 113 -10.95 -16.76 6.61
CA ASP A 113 -11.46 -16.52 7.96
C ASP A 113 -10.37 -16.68 9.02
N ASP A 114 -9.37 -17.52 8.77
CA ASP A 114 -8.27 -17.72 9.71
C ASP A 114 -7.10 -16.78 9.46
N ALA A 115 -7.34 -15.59 8.94
CA ALA A 115 -6.29 -14.61 8.66
C ALA A 115 -6.76 -13.23 9.07
N ILE A 116 -5.82 -12.39 9.49
CA ILE A 116 -6.12 -11.03 9.91
C ILE A 116 -5.35 -10.06 9.02
N ILE A 117 -6.05 -9.04 8.52
CA ILE A 117 -5.40 -7.96 7.78
C ILE A 117 -4.79 -7.01 8.81
N ALA A 118 -3.46 -6.98 8.88
CA ALA A 118 -2.74 -6.21 9.89
C ALA A 118 -2.51 -4.77 9.43
N LEU A 119 -3.07 -3.83 10.19
CA LEU A 119 -2.75 -2.41 10.03
C LEU A 119 -2.84 -1.84 11.45
N ASP A 120 -1.79 -2.12 12.24
CA ASP A 120 -1.89 -1.96 13.68
C ASP A 120 -2.18 -0.53 14.18
N PRO A 121 -1.80 0.56 13.50
CA PRO A 121 -2.23 1.87 14.00
C PRO A 121 -3.74 2.03 13.97
N VAL A 122 -4.43 1.18 13.21
CA VAL A 122 -5.86 1.23 13.06
C VAL A 122 -6.54 0.07 13.78
N ASN A 123 -5.96 -1.13 13.74
CA ASN A 123 -6.64 -2.31 14.27
C ASN A 123 -5.74 -3.15 15.18
N ARG A 124 -4.89 -2.50 15.98
CA ARG A 124 -4.07 -3.22 16.95
C ARG A 124 -4.92 -4.10 17.88
N ASN A 125 -6.10 -3.63 18.24
CA ASN A 125 -6.98 -4.41 19.12
C ASN A 125 -7.36 -5.72 18.45
N VAL A 126 -7.55 -5.70 17.12
CA VAL A 126 -7.86 -6.92 16.40
C VAL A 126 -6.65 -7.85 16.38
N ILE A 127 -5.46 -7.31 16.11
CA ILE A 127 -4.25 -8.12 16.09
C ILE A 127 -4.01 -8.78 17.45
N ASP A 128 -4.08 -7.99 18.53
CA ASP A 128 -3.88 -8.54 19.87
C ASP A 128 -4.85 -9.68 20.17
N ASN A 129 -6.08 -9.60 19.67
CA ASN A 129 -7.08 -10.62 19.93
C ASN A 129 -6.85 -11.88 19.10
N GLY A 130 -6.44 -11.72 17.84
CA GLY A 130 -6.06 -12.88 17.05
C GLY A 130 -4.90 -13.64 17.66
N LEU A 131 -3.89 -12.91 18.13
CA LEU A 131 -2.72 -13.54 18.71
C LEU A 131 -3.07 -14.38 19.94
N LYS A 132 -3.96 -13.86 20.78
CA LYS A 132 -4.39 -14.62 21.96
C LYS A 132 -5.30 -15.77 21.57
N ASN A 133 -6.01 -15.67 20.45
CA ASN A 133 -6.96 -16.69 20.02
C ASN A 133 -6.40 -17.65 18.99
N GLY A 134 -5.10 -17.56 18.68
CA GLY A 134 -4.46 -18.57 17.85
C GLY A 134 -4.43 -18.28 16.37
N VAL A 135 -4.72 -17.06 15.95
CA VAL A 135 -4.63 -16.71 14.54
C VAL A 135 -3.15 -16.68 14.15
N LYS A 136 -2.80 -17.33 13.05
CA LYS A 136 -1.41 -17.46 12.63
C LYS A 136 -1.10 -16.71 11.35
N ASN A 137 -2.08 -16.08 10.71
CA ASN A 137 -1.89 -15.44 9.41
C ASN A 137 -2.19 -13.95 9.52
N TYR A 138 -1.16 -13.13 9.30
CA TYR A 138 -1.31 -11.67 9.38
C TYR A 138 -0.88 -11.06 8.04
N ILE A 139 -1.87 -10.53 7.30
CA ILE A 139 -1.73 -10.19 5.90
C ILE A 139 -1.78 -8.68 5.72
N GLY A 140 -0.92 -8.16 4.84
CA GLY A 140 -0.97 -6.74 4.53
C GLY A 140 -2.19 -6.41 3.69
N GLY A 141 -2.78 -5.24 3.95
CA GLY A 141 -3.97 -4.83 3.23
C GLY A 141 -3.66 -4.16 1.90
N ASN A 142 -4.65 -4.17 1.02
CA ASN A 142 -4.55 -3.45 -0.25
C ASN A 142 -4.17 -2.01 0.02
N CYS A 143 -3.33 -1.46 -0.87
CA CYS A 143 -2.71 -0.17 -0.64
C CYS A 143 -3.76 0.91 -0.34
N THR A 144 -4.76 1.04 -1.22
CA THR A 144 -5.68 2.19 -1.13
C THR A 144 -6.48 2.18 0.17
N VAL A 145 -6.96 1.00 0.58
CA VAL A 145 -7.73 0.89 1.82
C VAL A 145 -6.86 1.23 3.02
N SER A 146 -5.68 0.62 3.11
CA SER A 146 -4.81 0.87 4.25
CA SER A 146 -4.82 0.87 4.26
C SER A 146 -4.42 2.35 4.33
N LEU A 147 -4.08 2.95 3.19
CA LEU A 147 -3.75 4.38 3.18
C LEU A 147 -4.97 5.23 3.53
N MET A 148 -6.15 4.82 3.08
CA MET A 148 -7.35 5.57 3.44
C MET A 148 -7.60 5.50 4.94
N LEU A 149 -7.43 4.33 5.56
CA LEU A 149 -7.74 4.20 6.97
C LEU A 149 -6.67 4.84 7.85
N MET A 150 -5.41 4.88 7.38
CA MET A 150 -4.41 5.65 8.08
C MET A 150 -4.82 7.12 8.19
N ALA A 151 -5.45 7.65 7.14
CA ALA A 151 -5.91 9.04 7.15
C ALA A 151 -7.23 9.20 7.90
N LEU A 152 -8.19 8.31 7.66
CA LEU A 152 -9.55 8.52 8.10
C LEU A 152 -9.97 7.62 9.27
N GLY A 153 -9.05 6.81 9.81
CA GLY A 153 -9.42 5.84 10.85
C GLY A 153 -10.20 6.44 12.00
N GLY A 154 -9.90 7.69 12.36
CA GLY A 154 -10.63 8.33 13.43
C GLY A 154 -12.13 8.34 13.21
N LEU A 155 -12.56 8.58 11.96
CA LEU A 155 -13.98 8.60 11.66
C LEU A 155 -14.57 7.19 11.63
N PHE A 156 -13.86 6.25 10.99
CA PHE A 156 -14.37 4.86 10.91
C PHE A 156 -14.38 4.21 12.29
N GLN A 157 -13.27 4.33 13.04
CA GLN A 157 -13.18 3.65 14.32
C GLN A 157 -14.26 4.12 15.29
N ASN A 158 -14.74 5.36 15.12
CA ASN A 158 -15.81 5.88 15.94
C ASN A 158 -17.20 5.63 15.35
N ASP A 159 -17.30 4.84 14.28
CA ASP A 159 -18.57 4.52 13.64
C ASP A 159 -19.31 5.78 13.20
N LEU A 160 -18.56 6.74 12.67
CA LEU A 160 -19.13 7.99 12.20
C LEU A 160 -19.35 8.02 10.70
N VAL A 161 -19.09 6.92 10.01
CA VAL A 161 -19.13 6.87 8.55
C VAL A 161 -20.30 6.01 8.11
N GLU A 162 -21.22 6.59 7.33
CA GLU A 162 -22.29 5.80 6.74
C GLU A 162 -21.88 5.21 5.40
N TRP A 163 -21.25 6.01 4.54
CA TRP A 163 -20.65 5.49 3.32
C TRP A 163 -19.55 6.45 2.88
N ALA A 164 -18.80 6.01 1.87
CA ALA A 164 -17.72 6.81 1.31
C ALA A 164 -17.45 6.33 -0.10
N THR A 165 -17.23 7.29 -1.00
CA THR A 165 -16.77 7.01 -2.36
C THR A 165 -15.40 7.66 -2.51
N SER A 166 -14.43 6.88 -2.93
CA SER A 166 -13.06 7.38 -3.11
C SER A 166 -12.70 7.33 -4.58
N MET A 167 -12.33 8.49 -5.12
CA MET A 167 -11.77 8.60 -6.46
C MET A 167 -10.27 8.75 -6.31
N THR A 168 -9.51 7.80 -6.86
CA THR A 168 -8.10 7.69 -6.51
C THR A 168 -7.20 8.19 -7.63
N TYR A 169 -5.98 8.52 -7.22
CA TYR A 169 -4.90 8.98 -8.10
C TYR A 169 -3.72 8.08 -7.73
N GLN A 170 -3.61 6.94 -8.39
CA GLN A 170 -2.72 5.89 -7.91
C GLN A 170 -1.40 5.89 -8.66
N ALA A 171 -0.33 5.63 -7.91
CA ALA A 171 1.05 5.69 -8.36
C ALA A 171 1.47 4.43 -9.11
N ALA A 172 2.54 4.53 -9.89
CA ALA A 172 3.03 3.38 -10.63
C ALA A 172 3.58 2.28 -9.72
N SER A 173 4.07 2.62 -8.52
CA SER A 173 4.72 1.60 -7.70
C SER A 173 3.80 0.43 -7.41
N GLY A 174 2.50 0.69 -7.29
CA GLY A 174 1.55 -0.39 -7.07
C GLY A 174 1.48 -1.41 -8.20
N ALA A 175 1.91 -1.04 -9.40
CA ALA A 175 2.01 -1.99 -10.49
C ALA A 175 3.38 -2.65 -10.55
N GLY A 176 4.44 -1.99 -10.07
CA GLY A 176 5.74 -2.65 -9.99
C GLY A 176 6.91 -1.77 -10.41
N ALA A 177 8.13 -2.26 -10.18
CA ALA A 177 9.33 -1.50 -10.56
C ALA A 177 9.37 -1.23 -12.05
N LYS A 178 9.03 -2.24 -12.88
CA LYS A 178 9.00 -2.03 -14.32
C LYS A 178 8.07 -0.88 -14.71
N ASN A 179 6.94 -0.74 -14.01
CA ASN A 179 6.00 0.32 -14.36
C ASN A 179 6.54 1.68 -13.95
N MET A 180 7.27 1.74 -12.83
CA MET A 180 7.89 2.99 -12.42
C MET A 180 8.99 3.40 -13.40
N ARG A 181 9.79 2.43 -13.85
CA ARG A 181 10.81 2.73 -14.83
C ARG A 181 10.19 3.20 -16.15
N GLU A 182 9.05 2.61 -16.53
CA GLU A 182 8.37 3.02 -17.76
C GLU A 182 7.81 4.43 -17.64
N LEU A 183 7.31 4.80 -16.46
CA LEU A 183 6.78 6.14 -16.27
C LEU A 183 7.86 7.20 -16.52
N ILE A 184 9.03 7.05 -15.89
CA ILE A 184 10.08 8.04 -16.07
C ILE A 184 10.60 8.01 -17.50
N SER A 185 10.71 6.82 -18.10
CA SER A 185 11.12 6.73 -19.50
C SER A 185 10.17 7.51 -20.40
N GLY A 186 8.87 7.39 -20.14
CA GLY A 186 7.91 8.13 -20.94
C GLY A 186 8.04 9.62 -20.77
N MET A 187 8.30 10.07 -19.53
CA MET A 187 8.56 11.48 -19.28
C MET A 187 9.73 11.98 -20.11
N GLY A 188 10.80 11.18 -20.17
CA GLY A 188 11.97 11.58 -20.93
C GLY A 188 11.73 11.58 -22.43
N ALA A 189 10.96 10.59 -22.90
CA ALA A 189 10.67 10.49 -24.34
C ALA A 189 9.68 11.56 -24.79
N ILE A 190 8.76 11.98 -23.91
CA ILE A 190 7.87 13.07 -24.24
C ILE A 190 8.66 14.35 -24.43
N HIS A 191 9.49 14.68 -23.45
CA HIS A 191 10.28 15.90 -23.52
C HIS A 191 11.20 15.90 -24.74
N ALA A 192 11.79 14.74 -25.06
CA ALA A 192 12.74 14.70 -26.17
C ALA A 192 12.07 15.02 -27.51
N GLN A 193 10.76 14.83 -27.63
CA GLN A 193 10.05 15.20 -28.86
C GLN A 193 9.99 16.71 -29.06
N VAL A 194 10.07 17.51 -27.99
CA VAL A 194 9.91 18.96 -28.11
C VAL A 194 11.05 19.69 -27.40
N ALA A 195 12.19 18.99 -27.23
CA ALA A 195 13.31 19.58 -26.50
C ALA A 195 13.76 20.89 -27.14
N ASP A 196 13.86 20.92 -28.47
CA ASP A 196 14.32 22.14 -29.14
C ASP A 196 13.30 23.26 -28.97
N GLU A 197 12.03 22.96 -29.23
CA GLU A 197 10.99 23.98 -29.12
C GLU A 197 10.95 24.56 -27.71
N LEU A 198 11.08 23.71 -26.69
CA LEU A 198 11.05 24.21 -25.31
C LEU A 198 12.22 25.15 -25.02
N ALA A 199 13.39 24.89 -25.62
CA ALA A 199 14.56 25.73 -25.42
C ALA A 199 14.47 27.03 -26.21
N ASP A 200 13.52 27.14 -27.13
CA ASP A 200 13.29 28.35 -27.89
C ASP A 200 12.13 29.11 -27.26
N PRO A 201 12.39 30.24 -26.58
CA PRO A 201 11.29 30.98 -25.95
C PRO A 201 10.26 31.53 -26.93
N SER A 202 10.59 31.63 -28.22
CA SER A 202 9.65 32.16 -29.20
C SER A 202 8.86 31.08 -29.93
N SER A 203 9.01 29.81 -29.56
CA SER A 203 8.28 28.74 -30.23
C SER A 203 6.81 28.78 -29.85
N ALA A 204 5.96 28.26 -30.74
CA ALA A 204 4.51 28.32 -30.54
C ALA A 204 4.03 27.16 -29.66
N ILE A 205 3.19 27.49 -28.66
CA ILE A 205 2.69 26.46 -27.75
C ILE A 205 1.92 25.38 -28.51
N LEU A 206 1.14 25.77 -29.52
CA LEU A 206 0.34 24.77 -30.21
C LEU A 206 1.20 23.77 -31.00
N ASP A 207 2.43 24.15 -31.39
CA ASP A 207 3.33 23.19 -32.04
C ASP A 207 3.86 22.18 -31.03
N ILE A 208 4.37 22.69 -29.90
CA ILE A 208 4.76 21.82 -28.79
C ILE A 208 3.63 20.86 -28.47
N ASP A 209 2.42 21.40 -28.32
CA ASP A 209 1.28 20.62 -27.91
C ASP A 209 0.99 19.50 -28.91
N ARG A 210 0.93 19.84 -30.21
CA ARG A 210 0.63 18.84 -31.24
C ARG A 210 1.69 17.75 -31.28
N LYS A 211 2.97 18.12 -31.07
CA LYS A 211 3.99 17.07 -31.11
C LYS A 211 3.85 16.13 -29.92
N VAL A 212 3.46 16.64 -28.76
CA VAL A 212 3.32 15.78 -27.60
C VAL A 212 2.11 14.85 -27.76
N SER A 213 0.98 15.41 -28.19
CA SER A 213 -0.23 14.60 -28.35
C SER A 213 -0.06 13.55 -29.45
N ASP A 214 0.57 13.93 -30.57
CA ASP A 214 0.92 12.92 -31.57
C ASP A 214 1.76 11.83 -30.95
N PHE A 215 2.72 12.20 -30.09
CA PHE A 215 3.60 11.19 -29.52
C PHE A 215 2.84 10.23 -28.61
N LEU A 216 1.88 10.72 -27.82
CA LEU A 216 1.12 9.82 -26.97
C LEU A 216 0.23 8.87 -27.77
N ARG A 217 -0.03 9.17 -29.03
CA ARG A 217 -0.78 8.25 -29.89
C ARG A 217 0.12 7.49 -30.86
N SER A 218 1.43 7.55 -30.70
CA SER A 218 2.33 6.90 -31.64
C SER A 218 2.83 5.58 -31.07
N GLU A 219 3.26 4.70 -31.95
CA GLU A 219 3.81 3.44 -31.46
C GLU A 219 5.25 3.58 -30.96
N ASP A 220 5.85 4.78 -31.07
CA ASP A 220 7.14 5.02 -30.45
C ASP A 220 7.06 5.30 -28.96
N TYR A 221 5.88 5.50 -28.42
CA TYR A 221 5.74 5.79 -27.00
C TYR A 221 6.00 4.50 -26.22
N PRO A 222 6.85 4.51 -25.16
CA PRO A 222 7.12 3.27 -24.43
C PRO A 222 6.00 2.90 -23.49
N LYS A 223 5.22 1.88 -23.86
CA LYS A 223 4.05 1.48 -23.08
C LYS A 223 3.94 -0.03 -22.97
N ALA A 224 5.08 -0.74 -22.91
CA ALA A 224 5.04 -2.19 -22.88
C ALA A 224 4.30 -2.71 -21.65
N ASN A 225 4.47 -2.06 -20.50
CA ASN A 225 3.95 -2.57 -19.24
C ASN A 225 2.53 -2.11 -18.91
N PHE A 226 2.22 -0.81 -19.08
CA PHE A 226 0.85 -0.36 -18.83
C PHE A 226 -0.09 -0.64 -20.00
N GLY A 227 0.43 -0.92 -21.20
CA GLY A 227 -0.40 -1.08 -22.38
C GLY A 227 -0.77 0.25 -23.05
N VAL A 228 -0.93 1.30 -22.25
CA VAL A 228 -1.29 2.63 -22.77
C VAL A 228 -0.39 3.67 -22.12
N PRO A 229 -0.35 4.91 -22.61
CA PRO A 229 0.43 5.95 -21.93
C PRO A 229 0.00 6.16 -20.48
N LEU A 230 1.00 6.41 -19.63
CA LEU A 230 0.74 6.93 -18.30
C LEU A 230 1.28 8.34 -18.13
N ALA A 231 2.56 8.55 -18.47
CA ALA A 231 3.14 9.89 -18.51
C ALA A 231 2.33 10.73 -19.50
N GLY A 232 1.87 11.88 -19.02
CA GLY A 232 0.99 12.74 -19.81
C GLY A 232 -0.46 12.31 -19.86
N SER A 233 -0.87 11.32 -19.08
CA SER A 233 -2.21 10.76 -19.25
C SER A 233 -2.71 10.22 -17.91
N LEU A 234 -3.71 9.34 -17.97
CA LEU A 234 -4.17 8.57 -16.82
C LEU A 234 -4.79 7.28 -17.33
N ILE A 235 -5.05 6.36 -16.41
CA ILE A 235 -5.65 5.07 -16.78
C ILE A 235 -6.78 4.73 -15.80
N PRO A 236 -8.04 4.87 -16.23
CA PRO A 236 -9.18 4.73 -15.30
C PRO A 236 -9.64 3.29 -15.05
N TRP A 237 -8.71 2.34 -15.01
CA TRP A 237 -9.02 0.96 -14.60
C TRP A 237 -7.74 0.35 -14.04
N ILE A 238 -7.81 -0.22 -12.85
CA ILE A 238 -6.66 -0.87 -12.22
C ILE A 238 -7.02 -2.32 -11.90
N ASP A 239 -6.08 -3.24 -12.16
CA ASP A 239 -6.28 -4.68 -11.95
C ASP A 239 -7.29 -5.24 -12.95
N VAL A 240 -7.77 -6.47 -12.71
CA VAL A 240 -8.55 -7.19 -13.73
C VAL A 240 -9.99 -6.70 -13.76
N ASP A 241 -10.67 -7.01 -14.87
CA ASP A 241 -12.08 -6.67 -15.08
C ASP A 241 -12.93 -7.77 -14.48
N LEU A 242 -13.71 -7.44 -13.43
CA LEU A 242 -14.58 -8.41 -12.79
C LEU A 242 -15.83 -8.73 -13.59
N GLY A 243 -16.10 -7.99 -14.66
CA GLY A 243 -17.21 -8.29 -15.54
C GLY A 243 -18.52 -7.61 -15.18
N ASN A 244 -18.55 -6.87 -14.07
CA ASN A 244 -19.72 -6.12 -13.63
C ASN A 244 -19.51 -4.61 -13.68
N GLY A 245 -18.57 -4.13 -14.51
CA GLY A 245 -18.25 -2.72 -14.53
C GLY A 245 -17.32 -2.25 -13.42
N GLN A 246 -16.86 -3.15 -12.57
CA GLN A 246 -16.04 -2.82 -11.43
C GLN A 246 -14.67 -3.46 -11.57
N SER A 247 -13.62 -2.70 -11.27
CA SER A 247 -12.29 -3.27 -11.25
C SER A 247 -12.06 -4.02 -9.93
N LYS A 248 -11.10 -4.94 -9.95
CA LYS A 248 -10.78 -5.65 -8.72
C LYS A 248 -10.20 -4.69 -7.68
N GLU A 249 -9.46 -3.68 -8.12
CA GLU A 249 -8.97 -2.66 -7.19
C GLU A 249 -10.12 -1.97 -6.45
N GLU A 250 -11.22 -1.68 -7.17
CA GLU A 250 -12.37 -1.03 -6.54
C GLU A 250 -13.11 -1.98 -5.61
N TRP A 251 -13.16 -3.27 -5.97
CA TRP A 251 -13.88 -4.24 -5.16
C TRP A 251 -13.17 -4.51 -3.84
N LYS A 252 -11.84 -4.43 -3.82
CA LYS A 252 -11.11 -4.61 -2.57
C LYS A 252 -11.42 -3.50 -1.56
N GLY A 253 -11.98 -2.38 -2.03
CA GLY A 253 -12.38 -1.28 -1.17
C GLY A 253 -13.28 -1.65 -0.01
N GLY A 254 -14.49 -2.12 -0.30
CA GLY A 254 -15.43 -2.40 0.78
C GLY A 254 -15.02 -3.60 1.61
N VAL A 255 -14.55 -4.67 0.98
CA VAL A 255 -14.31 -5.91 1.70
C VAL A 255 -13.14 -5.75 2.68
N GLU A 256 -12.02 -5.19 2.20
CA GLU A 256 -10.84 -5.06 3.05
C GLU A 256 -11.07 -4.05 4.17
N THR A 257 -11.64 -2.88 3.83
CA THR A 257 -11.93 -1.88 4.85
C THR A 257 -12.71 -2.50 6.01
N ASN A 258 -13.77 -3.22 5.69
CA ASN A 258 -14.64 -3.73 6.74
C ASN A 258 -14.04 -4.89 7.51
N LYS A 259 -13.09 -5.63 6.91
CA LYS A 259 -12.45 -6.66 7.70
C LYS A 259 -11.40 -6.08 8.66
N ILE A 260 -10.63 -5.09 8.20
CA ILE A 260 -9.64 -4.47 9.08
C ILE A 260 -10.30 -3.99 10.35
N LEU A 261 -11.39 -3.23 10.20
CA LEU A 261 -12.10 -2.72 11.35
C LEU A 261 -12.76 -3.82 12.15
N GLY A 262 -13.21 -4.89 11.48
CA GLY A 262 -14.00 -5.92 12.11
C GLY A 262 -15.50 -5.78 11.91
N ARG A 263 -15.91 -5.07 10.85
CA ARG A 263 -17.29 -4.62 10.65
C ARG A 263 -17.99 -5.35 9.50
N SER A 264 -17.59 -6.60 9.22
CA SER A 264 -18.25 -7.35 8.16
C SER A 264 -19.69 -7.75 8.53
N GLY A 265 -20.12 -7.50 9.76
CA GLY A 265 -21.49 -7.75 10.17
C GLY A 265 -22.46 -6.69 9.68
N ASN A 266 -22.18 -5.41 9.99
CA ASN A 266 -22.92 -4.27 9.46
C ASN A 266 -21.92 -3.38 8.74
N PRO A 267 -21.53 -3.75 7.51
CA PRO A 267 -20.39 -3.08 6.86
C PRO A 267 -20.73 -1.72 6.29
N THR A 268 -19.70 -0.86 6.29
CA THR A 268 -19.80 0.46 5.70
C THR A 268 -19.50 0.36 4.20
N VAL A 269 -20.33 1.02 3.39
CA VAL A 269 -20.16 1.00 1.94
C VAL A 269 -18.93 1.82 1.57
N ILE A 270 -17.98 1.20 0.88
CA ILE A 270 -16.83 1.89 0.29
C ILE A 270 -16.85 1.58 -1.20
N ASP A 271 -16.94 2.62 -2.02
CA ASP A 271 -17.04 2.46 -3.46
C ASP A 271 -16.23 3.56 -4.14
N GLY A 272 -16.24 3.57 -5.47
CA GLY A 272 -15.59 4.66 -6.18
C GLY A 272 -14.88 4.15 -7.41
N LEU A 273 -13.87 4.91 -7.86
CA LEU A 273 -13.14 4.60 -9.07
C LEU A 273 -11.65 4.67 -8.78
N CYS A 274 -10.92 3.66 -9.24
CA CYS A 274 -9.48 3.63 -9.05
C CYS A 274 -8.79 4.00 -10.36
N VAL A 275 -7.99 5.07 -10.32
CA VAL A 275 -7.39 5.62 -11.54
C VAL A 275 -5.88 5.73 -11.34
N ARG A 276 -5.13 5.25 -12.33
CA ARG A 276 -3.68 5.45 -12.31
C ARG A 276 -3.32 6.82 -12.87
N ILE A 277 -2.39 7.52 -12.20
CA ILE A 277 -1.80 8.76 -12.70
C ILE A 277 -0.29 8.64 -12.66
N GLY A 278 0.39 9.59 -13.29
CA GLY A 278 1.83 9.51 -13.44
C GLY A 278 2.65 9.96 -12.23
N ALA A 279 2.46 9.30 -11.10
CA ALA A 279 3.27 9.51 -9.91
C ALA A 279 4.00 8.21 -9.58
N MET A 280 5.14 8.33 -8.87
CA MET A 280 6.03 7.19 -8.64
C MET A 280 5.50 6.23 -7.58
N ARG A 281 5.28 6.73 -6.34
CA ARG A 281 4.91 5.82 -5.27
C ARG A 281 3.99 6.40 -4.19
N CYS A 282 3.28 7.51 -4.43
CA CYS A 282 2.22 7.97 -3.52
C CYS A 282 0.86 7.76 -4.16
N HIS A 283 -0.07 7.20 -3.40
CA HIS A 283 -1.48 7.13 -3.77
C HIS A 283 -2.20 8.30 -3.10
N SER A 284 -3.01 9.01 -3.88
CA SER A 284 -3.84 10.09 -3.37
C SER A 284 -5.31 9.74 -3.59
N GLN A 285 -6.16 10.21 -2.68
CA GLN A 285 -7.57 9.88 -2.77
C GLN A 285 -8.40 11.13 -2.50
N ALA A 286 -9.38 11.37 -3.37
CA ALA A 286 -10.36 12.44 -3.20
C ALA A 286 -11.69 11.77 -2.85
N ILE A 287 -12.18 12.01 -1.63
CA ILE A 287 -13.22 11.18 -1.04
C ILE A 287 -14.43 12.03 -0.67
N THR A 288 -15.61 11.54 -1.06
CA THR A 288 -16.90 12.00 -0.55
C THR A 288 -17.36 11.04 0.53
N LEU A 289 -17.67 11.57 1.71
CA LEU A 289 -18.21 10.77 2.80
C LEU A 289 -19.55 11.31 3.26
N LYS A 290 -20.47 10.40 3.54
CA LYS A 290 -21.66 10.71 4.32
C LYS A 290 -21.42 10.20 5.75
N LEU A 291 -21.46 11.11 6.71
CA LEU A 291 -21.23 10.82 8.11
C LEU A 291 -22.57 10.65 8.83
N LYS A 292 -22.53 9.91 9.94
CA LYS A 292 -23.75 9.63 10.71
C LYS A 292 -24.17 10.80 11.58
N LYS A 293 -23.37 11.87 11.64
CA LYS A 293 -23.68 13.03 12.46
C LYS A 293 -23.26 14.29 11.73
N ASP A 294 -23.96 15.38 12.02
CA ASP A 294 -23.60 16.71 11.53
C ASP A 294 -22.67 17.31 12.57
N LEU A 295 -21.36 17.17 12.34
CA LEU A 295 -20.32 17.70 13.21
C LEU A 295 -19.62 18.87 12.53
N PRO A 296 -19.09 19.82 13.28
CA PRO A 296 -18.30 20.89 12.65
C PRO A 296 -16.96 20.36 12.16
N VAL A 297 -16.41 21.05 11.16
CA VAL A 297 -15.10 20.71 10.60
C VAL A 297 -14.06 20.57 11.70
N SER A 298 -14.10 21.46 12.70
CA SER A 298 -13.12 21.43 13.78
C SER A 298 -13.19 20.13 14.57
N GLU A 299 -14.41 19.63 14.83
CA GLU A 299 -14.53 18.36 15.56
C GLU A 299 -14.15 17.18 14.68
N ILE A 300 -14.57 17.19 13.41
CA ILE A 300 -14.09 16.16 12.48
C ILE A 300 -12.57 16.15 12.46
N GLU A 301 -11.95 17.32 12.36
CA GLU A 301 -10.50 17.39 12.28
C GLU A 301 -9.84 16.87 13.56
N ALA A 302 -10.42 17.21 14.72
CA ALA A 302 -9.87 16.70 15.98
C ALA A 302 -9.96 15.17 16.03
N ILE A 303 -11.08 14.61 15.57
CA ILE A 303 -11.23 13.16 15.56
C ILE A 303 -10.20 12.51 14.66
N LEU A 304 -9.96 13.10 13.49
CA LEU A 304 -8.97 12.56 12.58
C LEU A 304 -7.57 12.64 13.18
N ALA A 305 -7.23 13.81 13.73
CA ALA A 305 -5.89 14.02 14.27
C ALA A 305 -5.59 13.04 15.40
N GLY A 306 -6.59 12.74 16.23
CA GLY A 306 -6.37 11.89 17.40
C GLY A 306 -6.21 10.41 17.10
N ALA A 307 -6.38 9.99 15.85
CA ALA A 307 -6.51 8.56 15.53
C ALA A 307 -5.19 7.82 15.71
N ASN A 308 -4.10 8.38 15.18
CA ASN A 308 -2.81 7.69 15.22
C ASN A 308 -1.71 8.73 15.08
N ASP A 309 -0.47 8.27 15.14
CA ASP A 309 0.72 9.11 15.22
C ASP A 309 1.22 9.57 13.86
N TRP A 310 0.64 9.07 12.77
CA TRP A 310 1.23 9.28 11.45
C TRP A 310 0.37 10.15 10.55
N VAL A 311 -0.94 10.19 10.80
CA VAL A 311 -1.82 11.09 10.07
C VAL A 311 -1.45 12.54 10.39
N LYS A 312 -1.57 13.39 9.37
CA LYS A 312 -1.32 14.83 9.53
C LYS A 312 -2.52 15.58 8.94
N VAL A 313 -3.33 16.17 9.81
CA VAL A 313 -4.43 17.02 9.35
C VAL A 313 -3.87 18.35 8.85
N VAL A 314 -4.17 18.69 7.60
CA VAL A 314 -3.71 19.92 6.97
C VAL A 314 -4.85 20.92 6.97
N PRO A 315 -4.68 22.10 7.58
CA PRO A 315 -5.73 23.13 7.51
C PRO A 315 -6.16 23.38 6.08
N ASN A 316 -7.47 23.59 5.89
CA ASN A 316 -8.04 23.66 4.55
C ASN A 316 -7.85 25.06 3.97
N GLU A 317 -6.58 25.36 3.65
CA GLU A 317 -6.17 26.59 2.98
C GLU A 317 -5.31 26.24 1.77
N LYS A 318 -5.22 27.19 0.84
CA LYS A 318 -4.52 26.92 -0.41
C LYS A 318 -3.05 26.62 -0.19
N GLU A 319 -2.33 27.53 0.49
CA GLU A 319 -0.88 27.40 0.62
C GLU A 319 -0.50 26.11 1.34
N ALA A 320 -1.14 25.81 2.47
CA ALA A 320 -0.88 24.55 3.17
C ALA A 320 -1.25 23.35 2.30
N GLY A 321 -2.42 23.40 1.65
CA GLY A 321 -2.87 22.29 0.84
C GLY A 321 -1.88 21.90 -0.25
N ILE A 322 -1.39 22.88 -1.00
CA ILE A 322 -0.52 22.54 -2.12
C ILE A 322 0.90 22.21 -1.65
N ARG A 323 1.27 22.62 -0.44
CA ARG A 323 2.58 22.27 0.09
C ARG A 323 2.58 20.89 0.72
N GLU A 324 1.48 20.50 1.35
CA GLU A 324 1.44 19.33 2.21
C GLU A 324 0.77 18.12 1.56
N LEU A 325 -0.23 18.34 0.74
CA LEU A 325 -1.08 17.26 0.24
C LEU A 325 -0.65 16.79 -1.14
N THR A 326 0.63 16.46 -1.34
CA THR A 326 1.13 16.11 -2.66
C THR A 326 2.09 14.92 -2.59
N PRO A 327 2.18 14.16 -3.67
CA PRO A 327 3.27 13.18 -3.79
C PRO A 327 4.66 13.79 -3.60
N ALA A 328 4.89 15.01 -4.06
CA ALA A 328 6.20 15.64 -3.91
C ALA A 328 6.59 15.72 -2.43
N LYS A 329 5.63 16.03 -1.56
CA LYS A 329 5.88 16.15 -0.13
C LYS A 329 5.97 14.78 0.57
N VAL A 330 5.10 13.84 0.20
CA VAL A 330 4.91 12.66 1.03
C VAL A 330 5.83 11.50 0.66
N THR A 331 6.34 11.47 -0.58
CA THR A 331 7.07 10.31 -1.07
C THR A 331 8.22 9.91 -0.14
N GLY A 332 8.27 8.63 0.19
CA GLY A 332 9.35 8.09 0.99
C GLY A 332 9.24 8.36 2.47
N THR A 333 8.15 8.99 2.92
CA THR A 333 7.96 9.30 4.32
C THR A 333 6.77 8.51 4.86
N LEU A 334 6.72 8.46 6.18
CA LEU A 334 5.67 7.74 6.89
C LEU A 334 4.47 8.62 7.24
N SER A 335 4.51 9.91 6.91
CA SER A 335 3.41 10.80 7.21
C SER A 335 2.26 10.56 6.24
N VAL A 336 1.03 10.63 6.75
CA VAL A 336 -0.17 10.45 5.94
C VAL A 336 -1.04 11.70 6.05
N PRO A 337 -0.74 12.75 5.29
CA PRO A 337 -1.56 13.97 5.39
C PRO A 337 -2.95 13.73 4.86
N VAL A 338 -3.92 14.38 5.50
CA VAL A 338 -5.31 14.43 5.04
C VAL A 338 -5.79 15.85 5.23
N GLY A 339 -6.50 16.37 4.23
CA GLY A 339 -7.02 17.71 4.29
C GLY A 339 -8.17 17.94 3.34
N ARG A 340 -8.35 19.22 2.96
CA ARG A 340 -9.51 19.67 2.19
C ARG A 340 -10.80 19.22 2.85
N ILE A 341 -10.82 19.29 4.18
CA ILE A 341 -11.99 18.90 4.96
C ILE A 341 -13.00 20.03 4.87
N ARG A 342 -14.11 19.77 4.20
CA ARG A 342 -15.13 20.79 3.99
C ARG A 342 -16.51 20.14 4.06
N LYS A 343 -17.48 20.89 4.56
CA LYS A 343 -18.88 20.51 4.44
C LYS A 343 -19.33 20.66 2.99
N LEU A 344 -20.08 19.67 2.51
CA LEU A 344 -20.52 19.68 1.12
C LEU A 344 -21.95 20.21 1.00
N GLY A 345 -22.31 20.59 -0.22
CA GLY A 345 -23.60 21.22 -0.45
C GLY A 345 -24.79 20.34 -0.13
N MET A 346 -24.60 19.03 -0.05
CA MET A 346 -25.75 18.14 0.14
C MET A 346 -26.29 18.18 1.57
N GLY A 347 -25.54 18.72 2.52
CA GLY A 347 -26.00 18.78 3.89
C GLY A 347 -24.84 18.67 4.86
N GLY A 348 -25.15 18.89 6.14
CA GLY A 348 -24.12 18.92 7.16
C GLY A 348 -23.38 17.62 7.36
N GLU A 349 -24.00 16.50 7.02
CA GLU A 349 -23.41 15.18 7.21
C GLU A 349 -22.57 14.72 6.01
N TYR A 350 -22.31 15.59 5.04
CA TYR A 350 -21.50 15.28 3.87
C TYR A 350 -20.22 16.10 3.90
N ILE A 351 -19.06 15.43 3.79
CA ILE A 351 -17.79 16.14 3.80
C ILE A 351 -16.95 15.64 2.65
N SER A 352 -15.94 16.44 2.29
CA SER A 352 -14.87 16.04 1.40
C SER A 352 -13.61 15.78 2.20
N ALA A 353 -12.76 14.90 1.67
CA ALA A 353 -11.43 14.69 2.24
C ALA A 353 -10.49 14.36 1.10
N PHE A 354 -9.27 14.84 1.21
CA PHE A 354 -8.21 14.53 0.26
C PHE A 354 -7.01 14.08 1.06
N THR A 355 -6.48 12.90 0.74
CA THR A 355 -5.35 12.36 1.46
C THR A 355 -4.30 11.87 0.48
N VAL A 356 -3.04 11.88 0.93
CA VAL A 356 -1.92 11.37 0.16
C VAL A 356 -1.11 10.44 1.06
N GLY A 357 -0.66 9.33 0.51
CA GLY A 357 0.12 8.38 1.28
C GLY A 357 1.05 7.53 0.44
N ASP A 358 2.24 7.24 0.97
CA ASP A 358 3.23 6.44 0.26
C ASP A 358 2.76 4.99 0.20
N GLN A 359 2.66 4.41 -0.99
CA GLN A 359 2.12 3.05 -0.98
C GLN A 359 3.16 1.99 -0.67
N LEU A 360 4.46 2.28 -0.84
CA LEU A 360 5.46 1.26 -0.47
C LEU A 360 5.67 1.19 1.04
N LEU A 361 5.31 2.24 1.77
CA LEU A 361 5.43 2.20 3.23
C LEU A 361 4.11 1.75 3.86
N TRP A 362 3.21 2.67 4.21
CA TRP A 362 1.99 2.25 4.89
C TRP A 362 1.12 1.37 4.01
N GLY A 363 1.24 1.51 2.69
CA GLY A 363 0.54 0.62 1.80
C GLY A 363 1.18 -0.73 1.56
N ALA A 364 2.32 -1.03 2.19
CA ALA A 364 2.97 -2.32 1.93
C ALA A 364 3.92 -2.75 3.06
N ALA A 365 5.14 -2.22 3.07
CA ALA A 365 6.18 -2.78 3.94
C ALA A 365 5.98 -2.40 5.40
N GLU A 366 5.49 -1.17 5.70
CA GLU A 366 5.51 -0.73 7.11
C GLU A 366 4.57 -1.53 8.00
N PRO A 367 3.32 -1.81 7.63
CA PRO A 367 2.50 -2.69 8.49
C PRO A 367 3.12 -4.07 8.72
N MET A 368 3.96 -4.54 7.80
CA MET A 368 4.58 -5.86 7.96
C MET A 368 5.68 -5.85 9.02
N ARG A 369 6.56 -4.84 9.03
CA ARG A 369 7.61 -4.83 10.05
C ARG A 369 7.01 -4.65 11.43
N ARG A 370 5.95 -3.84 11.52
CA ARG A 370 5.31 -3.60 12.81
C ARG A 370 4.61 -4.85 13.34
N VAL A 371 3.88 -5.58 12.48
CA VAL A 371 3.21 -6.79 12.98
C VAL A 371 4.22 -7.91 13.23
N LEU A 372 5.34 -7.94 12.50
CA LEU A 372 6.44 -8.84 12.88
C LEU A 372 6.89 -8.53 14.31
N ARG A 373 7.13 -7.25 14.62
CA ARG A 373 7.54 -6.89 15.98
C ARG A 373 6.47 -7.26 17.00
N ILE A 374 5.21 -7.00 16.69
CA ILE A 374 4.12 -7.37 17.61
C ILE A 374 4.12 -8.88 17.82
N VAL A 375 4.22 -9.66 16.74
CA VAL A 375 4.24 -11.12 16.90
C VAL A 375 5.43 -11.55 17.75
N LEU A 376 6.60 -10.91 17.54
CA LEU A 376 7.78 -11.28 18.31
C LEU A 376 7.67 -10.79 19.76
N GLY A 377 7.07 -9.62 19.97
CA GLY A 377 6.85 -9.10 21.30
C GLY A 377 5.81 -9.85 22.10
N SER A 378 5.10 -10.79 21.47
CA SER A 378 4.09 -11.60 22.14
C SER A 378 4.61 -12.95 22.60
N LEU A 379 5.87 -13.26 22.34
CA LEU A 379 6.44 -14.54 22.74
C LEU A 379 7.68 -14.33 23.62
#